data_5RBU
#
_entry.id   5RBU
#
_cell.length_a   45.234
_cell.length_b   73.321
_cell.length_c   52.509
_cell.angle_alpha   90.000
_cell.angle_beta   109.370
_cell.angle_gamma   90.000
#
_symmetry.space_group_name_H-M   'P 1 21 1'
#
loop_
_entity.id
_entity.type
_entity.pdbx_description
1 polymer Endothiapepsin
2 non-polymer 2-[(4-methyl-1,3-thiazol-2-yl)methyl]pyridine
3 non-polymer 'DIMETHYL SULFOXIDE'
4 non-polymer GLYCEROL
5 non-polymer 'ACETATE ION'
6 non-polymer 'TETRAETHYLENE GLYCOL'
7 non-polymer 'SODIUM ION'
8 water water
#
_entity_poly.entity_id   1
_entity_poly.type   'polypeptide(L)'
_entity_poly.pdbx_seq_one_letter_code
;MSSPLKNALVTAMLAGGALSSPTKQHVGIPVNASPEVGPGKYSFKQVRNPNYKFNGPLSVKKTYLKYGVPIPAWLEDAVQ
NSTSGLAERSTGSATTTPIDSLDDAYITPVQIGTPAQTLNLDFDTGSSDLWVFSSETTASEVDGQTIYTPSKSTTAKLLS
GATWSISYGDGSSSSGDVYTDTVSVGGLTVTGQAVESAKKVSSSFTEDSTIDGLLGLAFSTLNTVSPTQQKTFFDNAKAS
LDSPVFTADLGYHAPGTYNFGFIDTTAYTGSITYTAVSTKQGFWEWTSTGYAVGSGTFKSTSIDGIADTGTTLLYLPATV
VSAYWAQVSGAKSSSSVGGYVFPCSATLPSFTFGVGSARIVIPGDYIDFGPISTGSSSCFGGIQSSAGIGINIFGDVALK
AAFVVFNGATTPTLGFASK
;
_entity_poly.pdbx_strand_id   A
#
# COMPACT_ATOMS: atom_id res chain seq x y z
N SER A 90 -24.35 7.69 1.51
CA SER A 90 -23.30 8.49 0.86
C SER A 90 -22.32 7.57 0.13
N THR A 91 -21.58 8.17 -0.78
CA THR A 91 -20.47 7.50 -1.51
C THR A 91 -19.32 8.46 -1.64
N GLY A 92 -18.17 7.93 -2.00
CA GLY A 92 -17.06 8.76 -2.46
C GLY A 92 -16.35 8.05 -3.59
N SER A 93 -15.65 8.80 -4.43
CA SER A 93 -14.89 8.25 -5.56
C SER A 93 -13.67 9.11 -5.79
N ALA A 94 -12.47 8.59 -5.73
CA ALA A 94 -11.25 9.37 -5.91
C ALA A 94 -10.33 8.63 -6.83
N THR A 95 -9.63 9.37 -7.66
CA THR A 95 -8.59 8.80 -8.53
C THR A 95 -7.30 8.58 -7.78
N THR A 96 -6.67 7.43 -8.00
CA THR A 96 -5.36 7.13 -7.42
C THR A 96 -4.34 7.04 -8.52
N THR A 97 -3.15 7.59 -8.31
CA THR A 97 -2.17 7.82 -9.38
C THR A 97 -0.84 7.21 -8.96
N PRO A 98 -0.17 6.44 -9.83
N PRO A 98 -0.18 6.41 -9.81
N PRO A 98 -0.14 6.45 -9.83
N PRO A 98 -0.14 6.43 -9.81
CA PRO A 98 1.13 5.88 -9.46
CA PRO A 98 1.21 6.05 -9.53
CA PRO A 98 1.15 5.88 -9.43
CA PRO A 98 1.23 6.03 -9.50
C PRO A 98 2.13 7.02 -9.27
C PRO A 98 2.14 7.23 -9.21
C PRO A 98 2.19 6.98 -9.16
C PRO A 98 2.19 7.17 -9.12
N ILE A 99 2.99 6.91 -8.27
N ILE A 99 3.01 6.99 -8.25
N ILE A 99 3.06 6.80 -8.17
N ILE A 99 3.07 6.89 -8.15
CA ILE A 99 3.92 8.01 -7.94
CA ILE A 99 3.99 8.04 -7.89
CA ILE A 99 4.04 7.84 -7.71
CA ILE A 99 4.09 7.88 -7.67
C ILE A 99 5.09 8.08 -8.92
C ILE A 99 5.12 8.08 -8.89
C ILE A 99 5.22 7.94 -8.68
C ILE A 99 5.26 7.94 -8.66
N ASP A 100 5.37 6.98 -9.59
CA ASP A 100 6.53 6.92 -10.50
C ASP A 100 6.24 5.92 -11.60
N SER A 101 7.20 5.76 -12.51
CA SER A 101 7.04 4.94 -13.72
C SER A 101 7.00 3.43 -13.42
N LEU A 102 7.27 3.04 -12.21
CA LEU A 102 7.27 1.62 -11.84
C LEU A 102 6.02 1.24 -11.08
N ASP A 103 5.13 2.16 -10.76
CA ASP A 103 3.99 1.89 -9.87
C ASP A 103 4.49 1.45 -8.49
N ASP A 104 5.48 2.13 -7.94
N ASP A 104 5.48 2.13 -7.94
N ASP A 104 5.51 2.16 -7.98
N ASP A 104 5.51 2.16 -7.98
CA ASP A 104 5.97 1.69 -6.61
CA ASP A 104 5.97 1.69 -6.61
CA ASP A 104 6.12 1.86 -6.66
CA ASP A 104 6.12 1.87 -6.67
C ASP A 104 4.89 1.89 -5.53
C ASP A 104 4.90 1.89 -5.53
C ASP A 104 5.11 2.05 -5.53
C ASP A 104 5.11 2.05 -5.53
N ALA A 105 4.09 2.93 -5.70
N ALA A 105 4.10 2.93 -5.71
N ALA A 105 4.12 2.91 -5.75
N ALA A 105 4.12 2.91 -5.75
CA ALA A 105 2.99 3.24 -4.79
CA ALA A 105 2.99 3.24 -4.79
CA ALA A 105 3.00 3.18 -4.83
CA ALA A 105 3.01 3.19 -4.83
C ALA A 105 2.02 4.10 -5.56
C ALA A 105 2.02 4.10 -5.56
C ALA A 105 2.02 4.09 -5.56
C ALA A 105 2.02 4.09 -5.56
N TYR A 106 0.87 4.32 -4.95
CA TYR A 106 -0.21 5.11 -5.53
C TYR A 106 -0.60 6.18 -4.51
N ILE A 107 -0.86 7.36 -4.98
CA ILE A 107 -1.34 8.48 -4.15
C ILE A 107 -2.73 8.93 -4.55
N THR A 108 -3.49 9.33 -3.55
CA THR A 108 -4.87 9.71 -3.71
C THR A 108 -5.06 11.04 -2.99
N PRO A 109 -5.67 12.06 -3.58
CA PRO A 109 -5.83 13.31 -2.89
C PRO A 109 -6.90 13.19 -1.82
N VAL A 110 -6.62 13.80 -0.67
CA VAL A 110 -7.47 13.78 0.52
C VAL A 110 -7.59 15.20 1.05
N GLN A 111 -8.80 15.66 1.31
CA GLN A 111 -9.03 16.99 1.89
C GLN A 111 -9.09 16.89 3.40
N ILE A 112 -8.28 17.66 4.09
CA ILE A 112 -8.23 17.65 5.57
C ILE A 112 -8.47 19.07 6.07
N GLY A 113 -9.39 19.25 6.98
CA GLY A 113 -9.50 20.55 7.66
C GLY A 113 -10.43 21.51 6.96
N THR A 114 -10.52 22.68 7.57
CA THR A 114 -11.42 23.77 7.08
C THR A 114 -10.68 25.09 7.18
N PRO A 115 -10.41 25.81 6.09
CA PRO A 115 -10.64 25.37 4.71
C PRO A 115 -9.78 24.14 4.44
N ALA A 116 -10.15 23.44 3.37
CA ALA A 116 -9.51 22.19 2.98
C ALA A 116 -8.03 22.40 2.79
N GLN A 117 -7.26 21.44 3.26
CA GLN A 117 -5.85 21.27 2.91
C GLN A 117 -5.74 19.95 2.19
N THR A 118 -5.35 19.94 0.95
CA THR A 118 -5.32 18.72 0.15
C THR A 118 -3.93 18.10 0.21
N LEU A 119 -3.86 16.89 0.73
CA LEU A 119 -2.62 16.12 0.80
C LEU A 119 -2.78 14.85 -0.02
N ASN A 120 -1.72 14.36 -0.58
CA ASN A 120 -1.72 13.15 -1.39
C ASN A 120 -1.25 11.97 -0.55
N LEU A 121 -2.18 11.08 -0.22
CA LEU A 121 -1.90 10.01 0.75
C LEU A 121 -1.85 8.68 0.04
N ASP A 122 -1.08 7.79 0.62
CA ASP A 122 -0.92 6.39 0.20
C ASP A 122 -1.98 5.57 0.91
N PHE A 123 -3.03 5.17 0.23
CA PHE A 123 -4.10 4.32 0.82
C PHE A 123 -3.57 2.91 1.04
N ASP A 124 -3.62 2.45 2.27
CA ASP A 124 -2.86 1.25 2.66
C ASP A 124 -3.82 0.28 3.34
N THR A 125 -4.28 -0.74 2.64
CA THR A 125 -5.16 -1.76 3.23
C THR A 125 -4.41 -2.71 4.16
N GLY A 126 -3.13 -2.53 4.35
CA GLY A 126 -2.34 -3.30 5.32
C GLY A 126 -2.00 -2.53 6.59
N SER A 127 -2.56 -1.37 6.82
CA SER A 127 -2.35 -0.66 8.11
C SER A 127 -3.57 0.17 8.41
N SER A 128 -3.57 0.78 9.59
CA SER A 128 -4.82 1.32 10.15
C SER A 128 -4.66 2.71 10.75
N ASP A 129 -3.63 3.43 10.36
CA ASP A 129 -3.36 4.79 10.85
C ASP A 129 -3.48 5.75 9.67
N LEU A 130 -4.15 6.88 9.85
CA LEU A 130 -4.14 7.99 8.90
C LEU A 130 -3.18 8.98 9.49
N TRP A 131 -2.00 9.07 8.89
CA TRP A 131 -0.97 10.00 9.41
C TRP A 131 -0.46 10.86 8.29
N VAL A 132 -0.04 12.04 8.65
CA VAL A 132 0.38 13.04 7.66
C VAL A 132 1.63 13.74 8.08
N PHE A 133 2.43 14.11 7.11
N PHE A 133 2.43 14.11 7.11
N PHE A 133 2.40 14.16 7.08
N PHE A 133 2.40 14.16 7.08
CA PHE A 133 3.45 15.16 7.30
CA PHE A 133 3.46 15.16 7.30
CA PHE A 133 3.38 15.25 7.20
CA PHE A 133 3.38 15.26 7.19
C PHE A 133 2.71 16.43 7.74
C PHE A 133 2.71 16.43 7.74
C PHE A 133 2.67 16.49 7.71
C PHE A 133 2.67 16.50 7.72
N SER A 134 3.32 17.21 8.61
CA SER A 134 2.63 18.32 9.25
C SER A 134 3.60 19.45 9.58
N SER A 135 3.00 20.51 10.08
CA SER A 135 3.74 21.68 10.65
C SER A 135 4.50 21.23 11.89
N GLU A 136 4.27 20.07 12.44
CA GLU A 136 4.99 19.56 13.62
C GLU A 136 6.16 18.67 13.19
N THR A 137 6.24 18.30 11.92
CA THR A 137 7.28 17.34 11.52
C THR A 137 8.64 18.04 11.61
N THR A 138 9.59 17.38 12.24
CA THR A 138 11.00 17.85 12.32
C THR A 138 11.42 18.40 10.96
N ALA A 139 11.89 19.64 10.89
CA ALA A 139 12.09 20.37 9.62
C ALA A 139 13.04 19.61 8.67
N SER A 140 14.05 18.93 9.24
N SER A 140 14.05 18.93 9.24
N SER A 140 14.20 19.21 9.15
N SER A 140 14.20 19.21 9.15
CA SER A 140 15.10 18.14 8.52
CA SER A 140 15.10 18.14 8.52
CA SER A 140 15.21 18.54 8.31
CA SER A 140 15.22 18.55 8.30
C SER A 140 14.60 16.80 7.95
C SER A 140 14.60 16.80 7.95
C SER A 140 14.58 17.32 7.65
C SER A 140 14.57 17.33 7.64
N GLU A 141 13.42 16.33 8.36
N GLU A 141 13.42 16.33 8.36
N GLU A 141 13.41 16.88 8.15
N GLU A 141 13.41 16.89 8.14
CA GLU A 141 12.84 15.05 7.87
CA GLU A 141 12.84 15.05 7.87
CA GLU A 141 12.75 15.62 7.71
CA GLU A 141 12.75 15.64 7.71
C GLU A 141 11.75 15.34 6.83
C GLU A 141 11.75 15.34 6.83
C GLU A 141 11.64 15.93 6.69
C GLU A 141 11.65 15.93 6.69
N VAL A 142 11.59 16.60 6.43
N VAL A 142 11.59 16.60 6.43
N VAL A 142 11.35 17.21 6.43
N VAL A 142 11.35 17.22 6.44
CA VAL A 142 10.64 17.01 5.35
CA VAL A 142 10.64 17.01 5.35
CA VAL A 142 10.39 17.63 5.37
CA VAL A 142 10.38 17.63 5.37
C VAL A 142 11.47 17.41 4.13
C VAL A 142 11.47 17.41 4.14
C VAL A 142 11.20 18.07 4.15
C VAL A 142 11.21 18.06 4.15
N ASP A 143 11.13 16.89 2.96
N ASP A 143 11.13 16.89 2.95
N ASP A 143 11.07 17.35 3.03
N ASP A 143 11.08 17.35 3.04
CA ASP A 143 11.80 17.27 1.68
CA ASP A 143 11.80 17.27 1.68
CA ASP A 143 11.82 17.61 1.77
CA ASP A 143 11.82 17.64 1.78
C ASP A 143 10.78 17.36 0.54
C ASP A 143 10.78 17.36 0.54
C ASP A 143 10.84 17.42 0.61
C ASP A 143 10.84 17.43 0.62
N GLY A 144 9.97 18.42 0.47
CA GLY A 144 9.06 18.60 -0.67
C GLY A 144 7.63 18.11 -0.46
N GLN A 145 7.35 17.45 0.67
N GLN A 145 7.35 17.45 0.67
N GLN A 145 7.36 17.39 0.64
N GLN A 145 7.36 17.39 0.64
CA GLN A 145 5.95 17.03 0.94
CA GLN A 145 5.95 17.03 0.94
CA GLN A 145 5.99 16.90 0.96
CA GLN A 145 5.99 16.90 0.96
C GLN A 145 5.08 18.26 1.16
C GLN A 145 5.09 18.25 1.17
C GLN A 145 5.09 18.09 1.32
C GLN A 145 5.09 18.09 1.32
N THR A 146 3.79 18.05 0.94
CA THR A 146 2.80 19.00 1.40
C THR A 146 2.47 18.66 2.85
N ILE A 147 2.38 19.65 3.70
CA ILE A 147 2.13 19.42 5.13
C ILE A 147 0.73 19.86 5.51
N TYR A 148 0.21 19.17 6.51
CA TYR A 148 -1.02 19.57 7.21
C TYR A 148 -0.64 20.55 8.34
N THR A 149 -1.32 21.67 8.41
CA THR A 149 -1.07 22.68 9.48
C THR A 149 -2.36 22.79 10.29
N PRO A 150 -2.49 22.07 11.43
CA PRO A 150 -3.75 22.10 12.16
C PRO A 150 -4.14 23.48 12.65
N SER A 151 -3.17 24.34 12.92
CA SER A 151 -3.48 25.69 13.45
C SER A 151 -4.21 26.51 12.40
N LYS A 152 -4.17 26.13 11.12
CA LYS A 152 -4.90 26.84 10.04
C LYS A 152 -6.27 26.23 9.78
N SER A 153 -6.66 25.18 10.48
CA SER A 153 -7.96 24.52 10.31
C SER A 153 -8.87 24.91 11.44
N THR A 154 -10.03 25.45 11.12
CA THR A 154 -10.98 25.88 12.16
C THR A 154 -11.66 24.70 12.80
N THR A 155 -11.56 23.50 12.22
CA THR A 155 -12.23 22.30 12.73
C THR A 155 -11.21 21.38 13.40
N ALA A 156 -9.95 21.70 13.39
CA ALA A 156 -8.94 20.83 14.05
C ALA A 156 -9.02 20.97 15.58
N LYS A 157 -8.86 19.87 16.30
N LYS A 157 -8.94 19.85 16.29
N LYS A 157 -8.85 19.87 16.30
N LYS A 157 -8.94 19.85 16.29
CA LYS A 157 -8.80 19.91 17.77
CA LYS A 157 -8.93 19.78 17.77
CA LYS A 157 -8.81 19.91 17.77
CA LYS A 157 -8.94 19.78 17.78
C LYS A 157 -7.85 18.83 18.25
C LYS A 157 -7.77 18.85 18.16
C LYS A 157 -7.85 18.83 18.25
C LYS A 157 -7.78 18.85 18.16
N LEU A 158 -6.90 19.25 19.07
CA LEU A 158 -5.89 18.33 19.61
C LEU A 158 -6.66 17.21 20.30
N LEU A 159 -6.25 15.99 20.09
CA LEU A 159 -6.78 14.85 20.85
C LEU A 159 -5.80 14.71 22.03
N SER A 160 -6.19 15.28 23.16
N SER A 160 -6.20 15.26 23.17
N SER A 160 -6.19 15.29 23.16
N SER A 160 -6.20 15.26 23.17
CA SER A 160 -5.25 15.52 24.28
CA SER A 160 -5.33 15.54 24.33
CA SER A 160 -5.25 15.52 24.28
CA SER A 160 -5.34 15.53 24.33
C SER A 160 -4.71 14.20 24.79
C SER A 160 -4.72 14.24 24.86
C SER A 160 -4.71 14.20 24.79
C SER A 160 -4.72 14.24 24.86
N GLY A 161 -3.39 14.17 24.88
CA GLY A 161 -2.66 13.04 25.45
C GLY A 161 -2.37 11.94 24.47
N ALA A 162 -2.97 11.99 23.27
CA ALA A 162 -2.84 10.84 22.35
C ALA A 162 -1.52 10.93 21.56
N THR A 163 -0.86 9.80 21.47
CA THR A 163 0.34 9.66 20.63
C THR A 163 0.19 8.43 19.77
N TRP A 164 1.09 8.38 18.78
CA TRP A 164 1.10 7.21 17.88
C TRP A 164 2.52 6.95 17.43
N SER A 165 2.74 5.72 17.05
CA SER A 165 4.08 5.30 16.57
C SER A 165 3.89 4.03 15.78
N ILE A 166 4.38 4.03 14.55
CA ILE A 166 4.16 2.84 13.68
C ILE A 166 5.46 2.46 12.98
N SER A 167 5.60 1.16 12.76
CA SER A 167 6.72 0.56 12.02
C SER A 167 6.10 -0.27 10.91
N TYR A 168 6.56 -0.17 9.69
N TYR A 168 6.56 -0.17 9.69
N TYR A 168 6.61 -0.06 9.68
N TYR A 168 6.61 -0.06 9.68
CA TYR A 168 5.98 -1.00 8.61
CA TYR A 168 5.98 -1.00 8.61
CA TYR A 168 6.19 -0.66 8.37
CA TYR A 168 6.19 -0.66 8.37
C TYR A 168 6.85 -2.23 8.37
C TYR A 168 6.86 -2.22 8.36
C TYR A 168 7.21 -1.68 7.86
C TYR A 168 7.22 -1.68 7.84
N GLY A 169 6.32 -3.17 7.60
N GLY A 169 6.32 -3.17 7.60
N GLY A 169 6.79 -2.49 6.86
N GLY A 169 6.79 -2.48 6.86
CA GLY A 169 7.02 -4.41 7.22
CA GLY A 169 7.02 -4.41 7.22
CA GLY A 169 7.47 -3.71 6.39
CA GLY A 169 7.47 -3.69 6.37
C GLY A 169 8.34 -4.14 6.52
C GLY A 169 8.34 -4.14 6.52
C GLY A 169 8.83 -3.45 5.77
C GLY A 169 8.84 -3.43 5.76
N ASP A 170 8.46 -2.99 5.85
N ASP A 170 8.47 -2.99 5.85
N ASP A 170 9.10 -2.21 5.34
N ASP A 170 9.11 -2.20 5.33
CA ASP A 170 9.66 -2.63 5.04
CA ASP A 170 9.67 -2.63 5.04
CA ASP A 170 10.37 -1.82 4.66
CA ASP A 170 10.39 -1.81 4.65
C ASP A 170 10.70 -1.92 5.90
C ASP A 170 10.71 -1.92 5.92
C ASP A 170 11.33 -1.21 5.69
C ASP A 170 11.34 -1.21 5.70
N GLY A 171 10.47 -1.82 7.22
N GLY A 171 10.47 -1.82 7.23
N GLY A 171 10.97 -1.26 6.97
N GLY A 171 10.98 -1.25 6.98
CA GLY A 171 11.42 -1.21 8.18
CA GLY A 171 11.41 -1.21 8.19
CA GLY A 171 11.79 -0.68 8.05
CA GLY A 171 11.78 -0.68 8.06
C GLY A 171 11.21 0.29 8.40
C GLY A 171 11.21 0.29 8.41
C GLY A 171 11.57 0.81 8.19
C GLY A 171 11.57 0.81 8.19
N SER A 172 10.31 0.94 7.67
N SER A 172 10.31 0.95 7.68
N SER A 172 10.64 1.39 7.43
N SER A 172 10.65 1.40 7.42
CA SER A 172 10.09 2.41 7.77
CA SER A 172 10.08 2.42 7.77
CA SER A 172 10.23 2.80 7.64
CA SER A 172 10.23 2.81 7.63
C SER A 172 9.24 2.74 9.02
C SER A 172 9.25 2.75 9.02
C SER A 172 9.22 2.87 8.79
C SER A 172 9.22 2.87 8.79
N SER A 173 9.18 4.03 9.42
CA SER A 173 8.45 4.34 10.65
C SER A 173 8.14 5.82 10.70
N SER A 174 7.17 6.10 11.59
CA SER A 174 6.77 7.47 11.86
C SER A 174 6.08 7.49 13.23
N SER A 175 6.00 8.69 13.79
CA SER A 175 5.35 8.85 15.09
C SER A 175 4.99 10.31 15.32
N GLY A 176 4.06 10.55 16.27
CA GLY A 176 3.69 11.91 16.59
C GLY A 176 2.52 11.98 17.53
N ASP A 177 1.77 13.04 17.38
CA ASP A 177 0.56 13.32 18.18
C ASP A 177 -0.67 13.32 17.31
N VAL A 178 -1.83 13.70 17.82
CA VAL A 178 -3.09 13.39 17.11
C VAL A 178 -4.03 14.56 17.20
N TYR A 179 -4.68 14.90 16.10
CA TYR A 179 -5.78 15.86 16.03
C TYR A 179 -7.02 15.16 15.57
N THR A 180 -8.17 15.66 15.86
CA THR A 180 -9.36 15.25 15.10
C THR A 180 -9.69 16.39 14.15
N ASP A 181 -10.21 16.04 12.97
CA ASP A 181 -10.55 17.07 11.96
C ASP A 181 -11.49 16.41 10.97
N THR A 182 -12.01 17.24 10.09
CA THR A 182 -12.86 16.76 8.98
C THR A 182 -11.99 16.27 7.85
N VAL A 183 -12.29 15.09 7.35
CA VAL A 183 -11.48 14.48 6.28
C VAL A 183 -12.44 14.07 5.20
N SER A 184 -12.16 14.43 3.95
CA SER A 184 -12.99 14.05 2.80
C SER A 184 -12.16 13.35 1.76
N VAL A 185 -12.72 12.33 1.19
CA VAL A 185 -12.09 11.54 0.12
C VAL A 185 -13.09 11.45 -1.00
N GLY A 186 -12.83 12.05 -2.14
CA GLY A 186 -13.68 11.85 -3.31
C GLY A 186 -15.10 12.28 -3.06
N GLY A 187 -15.33 13.29 -2.22
CA GLY A 187 -16.69 13.76 -1.91
C GLY A 187 -17.32 13.11 -0.69
N LEU A 188 -16.74 12.10 -0.10
CA LEU A 188 -17.24 11.46 1.12
C LEU A 188 -16.55 12.11 2.32
N THR A 189 -17.31 12.64 3.27
CA THR A 189 -16.77 13.43 4.38
C THR A 189 -16.99 12.69 5.69
N VAL A 190 -15.95 12.61 6.51
CA VAL A 190 -16.04 12.16 7.89
C VAL A 190 -15.65 13.30 8.81
N THR A 191 -16.50 13.61 9.76
CA THR A 191 -16.11 14.55 10.84
C THR A 191 -15.50 13.81 12.02
N GLY A 192 -14.60 14.48 12.71
CA GLY A 192 -13.98 13.91 13.89
C GLY A 192 -13.05 12.75 13.55
N GLN A 193 -12.48 12.70 12.37
CA GLN A 193 -11.50 11.67 12.04
C GLN A 193 -10.19 11.96 12.79
N ALA A 194 -9.56 10.93 13.33
CA ALA A 194 -8.22 11.06 13.90
C ALA A 194 -7.21 11.25 12.78
N VAL A 195 -6.53 12.35 12.78
CA VAL A 195 -5.46 12.72 11.85
C VAL A 195 -4.17 12.73 12.65
N GLU A 196 -3.34 11.75 12.43
CA GLU A 196 -2.12 11.54 13.22
C GLU A 196 -1.05 12.42 12.60
N SER A 197 -0.58 13.40 13.33
CA SER A 197 0.39 14.39 12.86
C SER A 197 1.79 13.92 13.15
N ALA A 198 2.63 13.74 12.14
CA ALA A 198 3.99 13.24 12.36
C ALA A 198 4.90 14.30 12.99
N LYS A 199 5.53 13.90 14.09
CA LYS A 199 6.68 14.67 14.58
C LYS A 199 7.97 14.13 13.98
N LYS A 200 8.05 12.84 13.75
CA LYS A 200 9.24 12.17 13.23
C LYS A 200 8.80 11.24 12.13
N VAL A 201 9.65 11.05 11.10
N VAL A 201 9.65 11.05 11.10
N VAL A 201 9.48 11.43 11.00
N VAL A 201 9.48 11.43 11.00
CA VAL A 201 9.46 10.00 10.05
CA VAL A 201 9.46 10.01 10.06
CA VAL A 201 9.38 10.51 9.84
CA VAL A 201 9.38 10.52 9.85
C VAL A 201 10.82 9.39 9.74
C VAL A 201 10.82 9.39 9.74
C VAL A 201 10.80 10.02 9.58
C VAL A 201 10.80 10.02 9.59
N SER A 202 10.84 8.16 9.27
N SER A 202 10.84 8.16 9.27
N SER A 202 10.92 8.76 9.18
N SER A 202 10.92 8.76 9.18
CA SER A 202 12.12 7.50 8.88
CA SER A 202 12.12 7.50 8.88
CA SER A 202 12.20 8.10 8.84
CA SER A 202 12.21 8.12 8.84
C SER A 202 12.53 7.97 7.48
C SER A 202 12.53 7.97 7.48
C SER A 202 12.68 8.65 7.48
C SER A 202 12.68 8.65 7.48
N SER A 203 13.77 7.68 7.14
N SER A 203 13.77 7.67 7.13
N SER A 203 13.96 8.44 7.19
N SER A 203 13.96 8.45 7.19
CA SER A 203 14.42 8.23 5.93
CA SER A 203 14.42 8.22 5.92
CA SER A 203 14.64 9.00 6.01
CA SER A 203 14.64 9.01 6.00
C SER A 203 13.63 7.89 4.66
C SER A 203 13.63 7.89 4.65
C SER A 203 13.86 8.67 4.73
C SER A 203 13.86 8.67 4.73
N SER A 204 13.04 6.70 4.57
N SER A 204 13.04 6.70 4.57
N SER A 204 13.34 7.44 4.61
N SER A 204 13.35 7.44 4.61
CA SER A 204 12.31 6.27 3.35
CA SER A 204 12.31 6.26 3.35
CA SER A 204 12.66 6.99 3.38
CA SER A 204 12.66 6.99 3.38
C SER A 204 11.13 7.19 3.10
C SER A 204 11.12 7.19 3.11
C SER A 204 11.41 7.84 3.12
C SER A 204 11.41 7.84 3.12
N PHE A 205 10.48 7.68 4.16
N PHE A 205 10.48 7.68 4.16
N PHE A 205 10.72 8.32 4.17
N PHE A 205 10.72 8.32 4.17
CA PHE A 205 9.38 8.65 4.00
CA PHE A 205 9.38 8.65 4.00
CA PHE A 205 9.57 9.23 3.96
CA PHE A 205 9.57 9.23 3.96
C PHE A 205 9.95 10.00 3.54
C PHE A 205 9.94 9.99 3.54
C PHE A 205 10.06 10.61 3.54
C PHE A 205 10.06 10.61 3.54
N THR A 206 10.98 10.50 4.21
N THR A 206 10.98 10.49 4.20
N THR A 206 11.08 11.14 4.21
N THR A 206 11.09 11.13 4.21
CA THR A 206 11.58 11.81 3.85
CA THR A 206 11.58 11.81 3.84
CA THR A 206 11.66 12.46 3.88
CA THR A 206 11.66 12.46 3.88
C THR A 206 11.93 11.81 2.36
C THR A 206 11.93 11.81 2.36
C THR A 206 12.08 12.44 2.42
C THR A 206 12.08 12.44 2.42
N GLU A 207 12.51 10.72 1.89
N GLU A 207 12.50 10.72 1.89
N GLU A 207 12.71 11.32 2.00
N GLU A 207 12.72 11.33 2.00
CA GLU A 207 13.09 10.64 0.53
CA GLU A 207 13.09 10.62 0.52
CA GLU A 207 13.33 11.10 0.66
CA GLU A 207 13.33 11.11 0.66
C GLU A 207 11.99 10.42 -0.52
C GLU A 207 11.99 10.42 -0.52
C GLU A 207 12.27 11.07 -0.44
C GLU A 207 12.25 11.09 -0.44
N ASP A 208 10.75 10.14 -0.11
N ASP A 208 10.75 10.15 -0.12
N ASP A 208 11.01 10.75 -0.10
N ASP A 208 11.01 10.76 -0.11
CA ASP A 208 9.61 10.04 -1.06
CA ASP A 208 9.61 10.04 -1.06
CA ASP A 208 9.95 10.59 -1.13
CA ASP A 208 9.95 10.59 -1.13
C ASP A 208 8.80 11.34 -1.05
C ASP A 208 8.80 11.34 -1.05
C ASP A 208 9.04 11.82 -1.03
C ASP A 208 9.03 11.83 -1.03
N SER A 209 9.17 12.32 -1.86
N SER A 209 9.17 12.32 -1.86
N SER A 209 9.22 12.81 -1.91
N SER A 209 9.22 12.82 -1.90
CA SER A 209 8.59 13.68 -1.86
CA SER A 209 8.59 13.68 -1.86
CA SER A 209 8.44 14.07 -1.89
CA SER A 209 8.44 14.07 -1.89
C SER A 209 7.10 13.68 -2.24
C SER A 209 7.10 13.68 -2.24
C SER A 209 7.01 13.80 -2.39
C SER A 209 7.01 13.81 -2.39
N THR A 210 6.69 12.63 -2.94
CA THR A 210 5.35 12.46 -3.53
C THR A 210 4.31 11.95 -2.56
N ILE A 211 4.70 11.41 -1.41
N ILE A 211 4.70 11.41 -1.41
N ILE A 211 4.72 11.40 -1.41
N ILE A 211 4.72 11.40 -1.41
CA ILE A 211 3.74 10.82 -0.45
CA ILE A 211 3.74 10.82 -0.45
CA ILE A 211 3.82 10.78 -0.39
CA ILE A 211 3.82 10.78 -0.39
C ILE A 211 3.69 11.73 0.78
C ILE A 211 3.69 11.73 0.78
C ILE A 211 3.70 11.71 0.81
C ILE A 211 3.70 11.70 0.82
N ASP A 212 2.52 12.30 1.03
CA ASP A 212 2.32 13.25 2.13
C ASP A 212 1.84 12.55 3.39
N GLY A 213 1.67 11.25 3.36
CA GLY A 213 1.20 10.46 4.50
C GLY A 213 0.45 9.26 3.98
N LEU A 214 -0.07 8.50 4.95
CA LEU A 214 -0.80 7.23 4.69
C LEU A 214 -2.22 7.31 5.18
N LEU A 215 -3.11 6.64 4.51
CA LEU A 215 -4.48 6.48 4.98
C LEU A 215 -4.73 5.00 5.11
N GLY A 216 -4.76 4.51 6.34
CA GLY A 216 -4.92 3.07 6.60
C GLY A 216 -6.35 2.59 6.43
N LEU A 217 -6.46 1.41 5.81
CA LEU A 217 -7.77 0.79 5.49
C LEU A 217 -7.82 -0.67 5.94
N ALA A 218 -6.89 -1.08 6.77
CA ALA A 218 -7.02 -2.38 7.48
C ALA A 218 -7.99 -2.21 8.64
N PHE A 219 -8.11 -3.20 9.50
CA PHE A 219 -9.11 -3.16 10.58
C PHE A 219 -8.58 -2.25 11.69
N SER A 220 -9.53 -1.58 12.38
CA SER A 220 -9.14 -0.56 13.38
C SER A 220 -8.41 -1.15 14.60
N THR A 221 -8.48 -2.46 14.80
CA THR A 221 -7.72 -3.16 15.84
C THR A 221 -6.22 -2.97 15.68
N LEU A 222 -5.71 -2.60 14.47
CA LEU A 222 -4.26 -2.33 14.28
C LEU A 222 -3.90 -0.87 14.51
N ASN A 223 -4.84 0.01 14.76
CA ASN A 223 -4.49 1.43 14.89
C ASN A 223 -3.56 1.63 16.08
N THR A 224 -2.55 2.45 15.94
CA THR A 224 -1.48 2.55 16.96
C THR A 224 -1.75 3.69 17.95
N VAL A 225 -2.82 4.43 17.86
CA VAL A 225 -2.98 5.56 18.80
C VAL A 225 -3.14 5.03 20.22
N SER A 226 -2.44 5.68 21.13
CA SER A 226 -2.43 5.40 22.57
C SER A 226 -2.73 6.69 23.30
N PRO A 227 -3.50 6.64 24.42
CA PRO A 227 -4.04 5.44 25.05
C PRO A 227 -5.39 4.97 24.56
N THR A 228 -5.98 5.72 23.62
CA THR A 228 -7.33 5.44 23.13
C THR A 228 -7.18 5.16 21.65
N GLN A 229 -7.30 3.91 21.28
N GLN A 229 -7.35 3.91 21.27
CA GLN A 229 -7.19 3.48 19.86
CA GLN A 229 -7.23 3.51 19.86
C GLN A 229 -8.27 4.21 19.05
C GLN A 229 -8.29 4.23 19.04
N GLN A 230 -7.92 4.59 17.81
CA GLN A 230 -8.80 5.34 16.92
C GLN A 230 -9.26 4.47 15.75
N LYS A 231 -10.36 4.89 15.17
CA LYS A 231 -10.92 4.24 13.98
C LYS A 231 -10.36 4.75 12.67
N THR A 232 -10.32 3.83 11.68
CA THR A 232 -9.97 4.23 10.30
C THR A 232 -11.05 5.10 9.69
N PHE A 233 -10.67 5.76 8.62
CA PHE A 233 -11.61 6.57 7.83
C PHE A 233 -12.76 5.70 7.37
N PHE A 234 -12.48 4.47 6.91
CA PHE A 234 -13.56 3.57 6.46
C PHE A 234 -14.48 3.20 7.60
N ASP A 235 -13.92 2.85 8.74
CA ASP A 235 -14.76 2.47 9.88
C ASP A 235 -15.62 3.65 10.29
N ASN A 236 -15.13 4.86 10.32
CA ASN A 236 -15.92 6.05 10.67
C ASN A 236 -16.96 6.31 9.60
N ALA A 237 -16.69 6.09 8.32
CA ALA A 237 -17.65 6.38 7.24
C ALA A 237 -18.73 5.34 7.10
N LYS A 238 -18.46 4.13 7.56
N LYS A 238 -18.47 4.14 7.57
N LYS A 238 -18.46 4.13 7.56
N LYS A 238 -18.47 4.14 7.57
CA LYS A 238 -19.22 2.90 7.20
CA LYS A 238 -19.22 2.92 7.18
CA LYS A 238 -19.22 2.91 7.19
CA LYS A 238 -19.23 2.92 7.19
C LYS A 238 -20.73 3.10 7.32
C LYS A 238 -20.74 3.08 7.33
C LYS A 238 -20.73 3.10 7.32
C LYS A 238 -20.74 3.08 7.33
N ALA A 239 -21.17 3.59 8.47
CA ALA A 239 -22.61 3.64 8.80
C ALA A 239 -23.29 4.56 7.80
N SER A 240 -22.61 5.60 7.32
CA SER A 240 -23.14 6.63 6.38
C SER A 240 -23.18 6.10 4.95
N LEU A 241 -22.39 5.08 4.61
CA LEU A 241 -22.26 4.65 3.21
C LEU A 241 -23.50 3.94 2.69
N ASP A 242 -23.73 4.00 1.43
CA ASP A 242 -24.87 3.28 0.82
C ASP A 242 -24.72 1.77 1.02
N SER A 243 -23.49 1.26 0.97
N SER A 243 -23.50 1.27 0.81
N SER A 243 -23.49 1.26 0.97
N SER A 243 -23.50 1.27 0.81
CA SER A 243 -23.13 -0.17 1.13
CA SER A 243 -23.10 -0.09 1.26
CA SER A 243 -23.12 -0.17 1.13
CA SER A 243 -23.10 -0.09 1.25
C SER A 243 -21.80 -0.15 1.86
C SER A 243 -21.79 -0.02 2.02
C SER A 243 -21.79 -0.14 1.87
C SER A 243 -21.79 -0.03 2.01
N PRO A 244 -21.56 -0.99 2.90
CA PRO A 244 -20.37 -0.91 3.75
C PRO A 244 -19.13 -1.54 3.08
N VAL A 245 -18.72 -0.92 2.00
CA VAL A 245 -17.70 -1.44 1.08
C VAL A 245 -16.77 -0.33 0.63
N PHE A 246 -15.54 -0.70 0.26
CA PHE A 246 -14.76 0.15 -0.62
C PHE A 246 -14.13 -0.73 -1.66
N THR A 247 -13.72 -0.17 -2.78
CA THR A 247 -13.13 -0.95 -3.85
C THR A 247 -11.82 -0.29 -4.29
N ALA A 248 -10.89 -1.14 -4.65
CA ALA A 248 -9.58 -0.73 -5.19
C ALA A 248 -9.51 -1.16 -6.61
N ASP A 249 -9.23 -0.23 -7.51
CA ASP A 249 -9.08 -0.47 -8.93
C ASP A 249 -7.78 0.19 -9.36
N LEU A 250 -6.67 -0.46 -9.08
CA LEU A 250 -5.36 0.15 -9.32
C LEU A 250 -4.99 -0.04 -10.77
N GLY A 251 -4.37 0.97 -11.38
CA GLY A 251 -3.92 0.92 -12.75
C GLY A 251 -2.52 0.36 -12.91
N TYR A 252 -2.23 -0.24 -14.04
CA TYR A 252 -0.87 -0.58 -14.47
C TYR A 252 -0.34 0.59 -15.25
N HIS A 253 0.64 1.26 -14.69
CA HIS A 253 1.28 2.42 -15.34
C HIS A 253 0.22 3.41 -15.75
N ALA A 254 -0.81 3.62 -14.90
CA ALA A 254 -1.94 4.48 -15.25
C ALA A 254 -2.72 4.74 -13.99
N PRO A 255 -3.51 5.81 -13.95
CA PRO A 255 -4.38 6.07 -12.80
C PRO A 255 -5.46 5.00 -12.67
N GLY A 256 -6.01 4.95 -11.47
CA GLY A 256 -7.09 4.04 -11.11
C GLY A 256 -8.00 4.75 -10.15
N THR A 257 -8.81 3.98 -9.40
CA THR A 257 -9.87 4.53 -8.61
C THR A 257 -10.05 3.80 -7.28
N TYR A 258 -10.28 4.57 -6.22
CA TYR A 258 -10.81 4.05 -4.96
C TYR A 258 -12.22 4.57 -4.85
N ASN A 259 -13.20 3.66 -4.69
CA ASN A 259 -14.60 4.02 -4.43
C ASN A 259 -15.00 3.58 -3.05
N PHE A 260 -15.85 4.37 -2.42
CA PHE A 260 -16.40 4.06 -1.10
C PHE A 260 -17.90 4.04 -1.21
N GLY A 261 -18.53 2.96 -0.76
CA GLY A 261 -19.98 2.89 -0.60
C GLY A 261 -20.69 2.33 -1.74
N PHE A 262 -20.05 1.93 -2.84
CA PHE A 262 -20.76 1.34 -3.98
C PHE A 262 -19.79 0.54 -4.79
N ILE A 263 -20.33 -0.32 -5.63
N ILE A 263 -20.35 -0.43 -5.51
N ILE A 263 -20.33 -0.32 -5.63
N ILE A 263 -20.35 -0.44 -5.51
CA ILE A 263 -19.53 -1.18 -6.52
CA ILE A 263 -19.67 -1.17 -6.62
CA ILE A 263 -19.53 -1.18 -6.54
CA ILE A 263 -19.67 -1.17 -6.62
C ILE A 263 -19.88 -0.75 -7.95
C ILE A 263 -19.96 -0.49 -7.96
C ILE A 263 -19.88 -0.75 -7.95
C ILE A 263 -19.95 -0.49 -7.95
N ASP A 264 -18.91 -0.18 -8.68
CA ASP A 264 -19.08 0.31 -10.05
C ASP A 264 -19.10 -0.89 -10.97
N THR A 265 -20.30 -1.30 -11.40
CA THR A 265 -20.41 -2.54 -12.19
C THR A 265 -19.88 -2.31 -13.58
N THR A 266 -19.48 -1.13 -13.99
CA THR A 266 -18.83 -0.89 -15.28
C THR A 266 -17.31 -1.05 -15.22
N ALA A 267 -16.76 -1.21 -14.03
CA ALA A 267 -15.30 -1.15 -13.84
C ALA A 267 -14.66 -2.53 -13.95
N TYR A 268 -15.40 -3.60 -14.17
CA TYR A 268 -14.81 -4.96 -14.22
C TYR A 268 -15.56 -5.76 -15.24
N THR A 269 -14.99 -6.87 -15.63
CA THR A 269 -15.57 -7.82 -16.59
C THR A 269 -16.03 -9.04 -15.81
N GLY A 270 -16.98 -9.77 -16.39
CA GLY A 270 -17.46 -11.00 -15.76
C GLY A 270 -18.10 -10.72 -14.42
N SER A 271 -17.92 -11.65 -13.49
N SER A 271 -17.93 -11.66 -13.49
N SER A 271 -17.91 -11.65 -13.49
N SER A 271 -17.93 -11.66 -13.49
CA SER A 271 -18.53 -11.57 -12.14
CA SER A 271 -18.52 -11.63 -12.14
CA SER A 271 -18.52 -11.58 -12.14
CA SER A 271 -18.53 -11.62 -12.14
C SER A 271 -17.45 -11.40 -11.05
C SER A 271 -17.45 -11.34 -11.10
C SER A 271 -17.44 -11.39 -11.06
C SER A 271 -17.45 -11.35 -11.10
N ILE A 272 -17.86 -10.95 -9.89
CA ILE A 272 -16.97 -10.79 -8.75
C ILE A 272 -17.05 -12.09 -7.98
N THR A 273 -15.93 -12.70 -7.66
CA THR A 273 -15.88 -13.87 -6.77
C THR A 273 -15.51 -13.46 -5.39
N TYR A 274 -16.32 -13.73 -4.41
CA TYR A 274 -16.07 -13.36 -3.04
C TYR A 274 -15.42 -14.51 -2.29
N THR A 275 -14.65 -14.21 -1.32
CA THR A 275 -13.89 -15.20 -0.54
C THR A 275 -13.81 -14.77 0.89
N ALA A 276 -13.69 -15.70 1.82
CA ALA A 276 -13.72 -15.42 3.25
C ALA A 276 -12.50 -14.65 3.72
N VAL A 277 -12.70 -13.87 4.74
CA VAL A 277 -11.65 -13.04 5.38
C VAL A 277 -11.53 -13.44 6.82
N SER A 278 -10.32 -13.56 7.31
CA SER A 278 -10.05 -13.61 8.74
C SER A 278 -9.57 -12.25 9.18
N THR A 279 -10.15 -11.71 10.23
CA THR A 279 -9.71 -10.43 10.83
C THR A 279 -8.81 -10.66 12.06
N LYS A 280 -8.41 -11.90 12.31
CA LYS A 280 -7.67 -12.23 13.57
C LYS A 280 -6.35 -11.50 13.69
N GLN A 281 -5.68 -11.15 12.59
CA GLN A 281 -4.41 -10.42 12.63
C GLN A 281 -4.64 -8.94 12.26
N GLY A 282 -5.89 -8.52 12.12
CA GLY A 282 -6.20 -7.11 11.77
C GLY A 282 -6.11 -6.79 10.29
N PHE A 283 -5.85 -7.76 9.44
CA PHE A 283 -5.66 -7.58 7.99
C PHE A 283 -6.84 -8.09 7.23
N TRP A 284 -6.89 -7.74 5.94
CA TRP A 284 -7.79 -8.36 4.98
C TRP A 284 -7.14 -9.68 4.53
N GLU A 285 -7.19 -10.70 5.42
CA GLU A 285 -6.47 -11.96 5.24
C GLU A 285 -7.42 -12.97 4.61
N TRP A 286 -6.98 -13.65 3.61
CA TRP A 286 -7.79 -14.57 2.84
C TRP A 286 -6.94 -15.74 2.37
N THR A 287 -7.54 -16.71 1.72
CA THR A 287 -6.80 -17.90 1.24
C THR A 287 -7.04 -18.05 -0.23
N SER A 288 -5.99 -17.87 -1.01
CA SER A 288 -6.03 -18.18 -2.43
C SER A 288 -6.07 -19.69 -2.63
N THR A 289 -6.68 -20.13 -3.69
CA THR A 289 -6.87 -21.56 -4.00
C THR A 289 -5.76 -22.11 -4.86
N GLY A 290 -4.78 -21.32 -5.33
CA GLY A 290 -3.60 -21.87 -5.99
C GLY A 290 -3.07 -20.96 -7.06
N TYR A 291 -2.25 -21.50 -7.93
CA TYR A 291 -1.56 -20.64 -8.87
C TYR A 291 -1.21 -21.38 -10.11
N ALA A 292 -0.90 -20.64 -11.16
CA ALA A 292 -0.26 -21.18 -12.37
C ALA A 292 0.83 -20.22 -12.82
N VAL A 293 1.80 -20.76 -13.51
CA VAL A 293 2.87 -19.93 -14.08
C VAL A 293 2.72 -19.96 -15.58
N GLY A 294 2.57 -18.84 -16.24
CA GLY A 294 2.38 -18.77 -17.69
C GLY A 294 1.21 -19.61 -18.11
N SER A 295 1.43 -20.41 -19.16
N SER A 295 1.45 -20.43 -19.16
N SER A 295 1.42 -20.41 -19.16
N SER A 295 1.44 -20.43 -19.16
CA SER A 295 0.39 -21.30 -19.74
CA SER A 295 0.48 -21.35 -19.79
CA SER A 295 0.37 -21.30 -19.72
CA SER A 295 0.44 -21.34 -19.77
C SER A 295 0.42 -22.66 -19.05
C SER A 295 0.30 -22.61 -18.95
C SER A 295 0.42 -22.66 -19.05
C SER A 295 0.30 -22.63 -18.96
N GLY A 296 1.14 -22.81 -17.92
CA GLY A 296 1.21 -24.05 -17.16
C GLY A 296 -0.09 -24.45 -16.49
N THR A 297 -0.10 -25.67 -16.00
CA THR A 297 -1.31 -26.18 -15.32
C THR A 297 -1.46 -25.47 -13.98
N PHE A 298 -2.67 -25.34 -13.56
CA PHE A 298 -3.00 -24.70 -12.29
C PHE A 298 -2.71 -25.68 -11.16
N LYS A 299 -1.99 -25.29 -10.15
CA LYS A 299 -1.68 -26.03 -8.94
C LYS A 299 -2.68 -25.63 -7.88
N SER A 300 -3.51 -26.56 -7.43
CA SER A 300 -4.47 -26.33 -6.34
C SER A 300 -3.74 -26.42 -5.04
N THR A 301 -3.67 -25.34 -4.28
CA THR A 301 -2.94 -25.30 -3.03
C THR A 301 -3.43 -24.08 -2.26
N SER A 302 -3.62 -24.18 -0.99
CA SER A 302 -4.09 -23.04 -0.15
C SER A 302 -2.96 -22.11 0.14
N ILE A 303 -3.11 -20.81 -0.15
CA ILE A 303 -2.06 -19.80 0.15
C ILE A 303 -2.75 -18.70 0.94
N ASP A 304 -2.47 -18.65 2.24
N ASP A 304 -2.55 -18.70 2.22
N ASP A 304 -2.47 -18.65 2.24
N ASP A 304 -2.54 -18.70 2.21
CA ASP A 304 -2.99 -17.66 3.22
CA ASP A 304 -3.08 -17.66 3.10
CA ASP A 304 -3.01 -17.66 3.20
CA ASP A 304 -3.07 -17.67 3.11
C ASP A 304 -2.21 -16.35 3.13
C ASP A 304 -2.25 -16.40 2.88
C ASP A 304 -2.21 -16.35 3.13
C ASP A 304 -2.25 -16.40 2.89
N GLY A 305 -2.89 -15.25 2.76
CA GLY A 305 -2.15 -14.01 2.65
C GLY A 305 -3.05 -12.82 2.82
N ILE A 306 -2.49 -11.63 2.69
CA ILE A 306 -3.27 -10.41 2.91
C ILE A 306 -3.37 -9.60 1.64
N ALA A 307 -4.48 -8.93 1.48
CA ALA A 307 -4.65 -7.98 0.37
C ALA A 307 -4.15 -6.63 0.83
N ASP A 308 -3.01 -6.15 0.31
CA ASP A 308 -2.31 -5.00 0.88
C ASP A 308 -1.95 -3.98 -0.20
N THR A 309 -2.75 -2.93 -0.33
CA THR A 309 -2.49 -1.94 -1.35
C THR A 309 -1.23 -1.12 -1.06
N GLY A 310 -0.76 -1.13 0.18
CA GLY A 310 0.42 -0.36 0.54
C GLY A 310 1.69 -1.15 0.37
N THR A 311 1.66 -2.34 -0.17
CA THR A 311 2.88 -3.12 -0.50
C THR A 311 2.98 -3.16 -2.01
N THR A 312 4.17 -2.89 -2.54
N THR A 312 4.17 -2.89 -2.55
N THR A 312 4.15 -2.88 -2.60
N THR A 312 4.15 -2.88 -2.60
CA THR A 312 4.37 -2.81 -4.00
CA THR A 312 4.37 -2.81 -4.00
CA THR A 312 4.26 -2.83 -4.08
CA THR A 312 4.25 -2.84 -4.08
C THR A 312 4.22 -4.18 -4.67
C THR A 312 4.22 -4.18 -4.67
C THR A 312 4.16 -4.25 -4.67
C THR A 312 4.16 -4.25 -4.67
N LEU A 313 4.90 -5.19 -4.12
CA LEU A 313 5.13 -6.47 -4.79
C LEU A 313 4.23 -7.58 -4.29
N LEU A 314 4.35 -8.72 -4.94
CA LEU A 314 3.61 -9.93 -4.58
C LEU A 314 4.60 -10.84 -3.85
N TYR A 315 4.36 -11.14 -2.57
CA TYR A 315 5.25 -11.99 -1.74
C TYR A 315 4.53 -13.29 -1.48
N LEU A 316 5.13 -14.40 -1.90
CA LEU A 316 4.49 -15.71 -1.85
C LEU A 316 5.50 -16.72 -1.33
N PRO A 317 5.05 -17.93 -1.00
CA PRO A 317 5.98 -18.91 -0.45
C PRO A 317 7.09 -19.24 -1.41
N ALA A 318 8.24 -19.61 -0.85
CA ALA A 318 9.45 -19.84 -1.64
C ALA A 318 9.24 -20.88 -2.72
N THR A 319 8.45 -21.91 -2.45
CA THR A 319 8.20 -22.96 -3.46
C THR A 319 7.53 -22.35 -4.70
N VAL A 320 6.54 -21.48 -4.46
CA VAL A 320 5.75 -20.87 -5.57
C VAL A 320 6.66 -19.95 -6.36
N VAL A 321 7.41 -19.12 -5.64
CA VAL A 321 8.28 -18.11 -6.27
C VAL A 321 9.38 -18.78 -7.09
N SER A 322 9.96 -19.87 -6.56
CA SER A 322 10.99 -20.62 -7.27
C SER A 322 10.39 -21.19 -8.56
N ALA A 323 9.18 -21.72 -8.50
CA ALA A 323 8.51 -22.27 -9.69
C ALA A 323 8.28 -21.19 -10.75
N TYR A 324 7.95 -19.98 -10.32
CA TYR A 324 7.77 -18.88 -11.29
C TYR A 324 9.10 -18.56 -11.96
N TRP A 325 10.14 -18.24 -11.19
CA TRP A 325 11.38 -17.70 -11.75
C TRP A 325 12.16 -18.78 -12.50
N ALA A 326 11.89 -20.04 -12.24
CA ALA A 326 12.51 -21.16 -13.03
C ALA A 326 12.07 -21.07 -14.49
N GLN A 327 10.98 -20.38 -14.78
CA GLN A 327 10.52 -20.26 -16.17
C GLN A 327 11.12 -19.04 -16.85
N VAL A 328 12.06 -18.35 -16.25
CA VAL A 328 12.72 -17.15 -16.83
C VAL A 328 14.21 -17.45 -16.93
N SER A 329 14.71 -17.56 -18.17
N SER A 329 14.72 -17.54 -18.17
N SER A 329 14.71 -17.55 -18.17
N SER A 329 14.72 -17.53 -18.16
CA SER A 329 16.14 -17.84 -18.44
CA SER A 329 16.14 -17.87 -18.40
CA SER A 329 16.14 -17.80 -18.46
CA SER A 329 16.15 -17.86 -18.40
C SER A 329 17.00 -16.78 -17.76
C SER A 329 17.02 -16.78 -17.76
C SER A 329 17.01 -16.76 -17.76
C SER A 329 17.02 -16.78 -17.76
N GLY A 330 17.94 -17.20 -16.92
CA GLY A 330 18.90 -16.35 -16.29
C GLY A 330 18.37 -15.71 -15.02
N ALA A 331 17.15 -15.98 -14.58
CA ALA A 331 16.68 -15.42 -13.29
C ALA A 331 17.38 -16.11 -12.14
N LYS A 332 17.61 -15.38 -11.06
CA LYS A 332 18.25 -15.97 -9.89
C LYS A 332 17.88 -15.12 -8.70
N SER A 333 17.97 -15.74 -7.53
CA SER A 333 17.82 -15.04 -6.26
C SER A 333 19.19 -14.47 -5.89
N SER A 334 19.27 -13.18 -5.74
CA SER A 334 20.49 -12.45 -5.37
C SER A 334 20.39 -11.96 -3.91
N SER A 335 21.23 -12.52 -3.05
N SER A 335 21.24 -12.54 -3.06
N SER A 335 21.24 -12.52 -3.05
N SER A 335 21.24 -12.54 -3.07
CA SER A 335 21.37 -12.06 -1.64
CA SER A 335 21.44 -12.11 -1.66
CA SER A 335 21.39 -12.07 -1.65
CA SER A 335 21.45 -12.12 -1.67
C SER A 335 21.89 -10.62 -1.63
C SER A 335 21.91 -10.65 -1.63
C SER A 335 21.89 -10.62 -1.63
C SER A 335 21.92 -10.66 -1.63
N SER A 336 22.77 -10.25 -2.56
CA SER A 336 23.33 -8.87 -2.64
C SER A 336 22.22 -7.86 -2.94
N VAL A 337 21.32 -8.18 -3.85
CA VAL A 337 20.26 -7.23 -4.28
C VAL A 337 19.06 -7.31 -3.35
N GLY A 338 18.82 -8.47 -2.78
CA GLY A 338 17.69 -8.69 -1.86
C GLY A 338 16.47 -9.32 -2.52
N GLY A 339 16.64 -10.16 -3.52
CA GLY A 339 15.52 -10.91 -4.07
C GLY A 339 15.87 -11.42 -5.43
N TYR A 340 14.88 -11.96 -6.10
CA TYR A 340 14.99 -12.43 -7.47
C TYR A 340 15.19 -11.26 -8.44
N VAL A 341 16.16 -11.47 -9.30
CA VAL A 341 16.49 -10.58 -10.42
C VAL A 341 16.47 -11.42 -11.67
N PHE A 342 16.35 -10.73 -12.80
CA PHE A 342 16.24 -11.40 -14.10
C PHE A 342 16.86 -10.49 -15.15
N PRO A 343 17.26 -11.08 -16.30
CA PRO A 343 17.80 -10.25 -17.39
C PRO A 343 16.76 -9.31 -17.90
N CYS A 344 17.14 -8.04 -18.07
CA CYS A 344 16.18 -7.08 -18.59
C CYS A 344 15.73 -7.46 -20.02
N SER A 345 16.49 -8.24 -20.73
CA SER A 345 16.12 -8.73 -22.07
C SER A 345 15.00 -9.77 -22.02
N ALA A 346 14.62 -10.31 -20.87
CA ALA A 346 13.60 -11.38 -20.80
C ALA A 346 12.23 -10.87 -21.13
N THR A 347 11.41 -11.80 -21.62
CA THR A 347 9.95 -11.65 -21.65
C THR A 347 9.40 -12.49 -20.51
N LEU A 348 8.69 -11.88 -19.56
CA LEU A 348 8.23 -12.62 -18.34
C LEU A 348 6.93 -13.34 -18.63
N PRO A 349 6.73 -14.52 -18.06
CA PRO A 349 5.45 -15.19 -18.10
C PRO A 349 4.44 -14.52 -17.18
N SER A 350 3.18 -14.75 -17.47
CA SER A 350 2.13 -14.35 -16.55
C SER A 350 2.13 -15.18 -15.29
N PHE A 351 1.38 -14.75 -14.31
CA PHE A 351 1.19 -15.49 -13.07
C PHE A 351 -0.28 -15.47 -12.78
N THR A 352 -0.90 -16.61 -12.53
CA THR A 352 -2.34 -16.68 -12.21
C THR A 352 -2.48 -17.04 -10.75
N PHE A 353 -3.40 -16.41 -10.04
CA PHE A 353 -3.76 -16.83 -8.70
C PHE A 353 -5.25 -17.16 -8.64
N GLY A 354 -5.58 -18.12 -7.79
CA GLY A 354 -6.98 -18.54 -7.62
C GLY A 354 -7.68 -17.77 -6.54
N VAL A 355 -8.96 -17.47 -6.86
CA VAL A 355 -9.93 -16.91 -5.90
C VAL A 355 -11.15 -17.80 -5.97
N GLY A 356 -11.27 -18.70 -5.02
CA GLY A 356 -12.28 -19.76 -5.18
C GLY A 356 -12.02 -20.48 -6.49
N SER A 357 -13.06 -20.75 -7.27
N SER A 357 -13.08 -20.70 -7.26
N SER A 357 -13.06 -20.75 -7.27
N SER A 357 -13.08 -20.70 -7.26
CA SER A 357 -12.94 -21.39 -8.59
CA SER A 357 -13.02 -21.37 -8.58
CA SER A 357 -12.92 -21.39 -8.59
CA SER A 357 -13.02 -21.37 -8.58
C SER A 357 -12.54 -20.40 -9.69
C SER A 357 -12.57 -20.40 -9.67
C SER A 357 -12.53 -20.40 -9.69
C SER A 357 -12.57 -20.40 -9.67
N ALA A 358 -12.45 -19.11 -9.36
CA ALA A 358 -12.07 -18.09 -10.33
C ALA A 358 -10.52 -17.90 -10.38
N ARG A 359 -10.10 -17.20 -11.39
CA ARG A 359 -8.64 -17.04 -11.66
C ARG A 359 -8.41 -15.59 -12.00
N ILE A 360 -7.37 -15.00 -11.44
CA ILE A 360 -6.89 -13.64 -11.79
C ILE A 360 -5.53 -13.83 -12.45
N VAL A 361 -5.38 -13.29 -13.61
CA VAL A 361 -4.13 -13.39 -14.39
C VAL A 361 -3.36 -12.09 -14.29
N ILE A 362 -2.13 -12.17 -13.75
CA ILE A 362 -1.19 -11.02 -13.73
C ILE A 362 -0.33 -11.11 -14.96
N PRO A 363 -0.44 -10.17 -15.93
CA PRO A 363 0.41 -10.24 -17.10
C PRO A 363 1.87 -10.17 -16.71
N GLY A 364 2.72 -10.78 -17.52
CA GLY A 364 4.17 -10.75 -17.27
C GLY A 364 4.74 -9.38 -17.08
N ASP A 365 4.26 -8.42 -17.87
N ASP A 365 4.30 -8.38 -17.84
N ASP A 365 4.26 -8.43 -17.88
N ASP A 365 4.30 -8.38 -17.84
CA ASP A 365 4.82 -7.06 -17.79
CA ASP A 365 4.97 -7.05 -17.72
CA ASP A 365 4.81 -7.07 -17.80
CA ASP A 365 4.97 -7.06 -17.71
C ASP A 365 4.63 -6.47 -16.38
C ASP A 365 4.58 -6.37 -16.40
C ASP A 365 4.63 -6.48 -16.39
C ASP A 365 4.58 -6.37 -16.40
N TYR A 366 3.58 -6.86 -15.68
CA TYR A 366 3.31 -6.31 -14.35
C TYR A 366 4.42 -6.74 -13.38
N ILE A 367 5.15 -7.78 -13.68
CA ILE A 367 6.13 -8.38 -12.76
C ILE A 367 7.52 -7.76 -12.99
N ASP A 368 7.66 -6.86 -13.97
N ASP A 368 7.66 -6.87 -13.98
CA ASP A 368 8.93 -6.15 -14.23
CA ASP A 368 8.99 -6.27 -14.28
C ASP A 368 9.02 -4.87 -13.42
C ASP A 368 9.10 -4.92 -13.55
N PHE A 369 10.02 -4.83 -12.56
CA PHE A 369 10.27 -3.60 -11.78
C PHE A 369 11.56 -2.94 -12.23
N GLY A 370 12.07 -3.26 -13.40
CA GLY A 370 13.10 -2.44 -14.03
C GLY A 370 14.47 -2.71 -13.43
N PRO A 371 15.46 -1.95 -13.99
CA PRO A 371 16.86 -2.15 -13.60
C PRO A 371 17.05 -2.03 -12.11
N ILE A 372 17.93 -2.82 -11.58
CA ILE A 372 18.21 -2.79 -10.12
C ILE A 372 18.90 -1.51 -9.73
N SER A 373 19.62 -0.90 -10.62
CA SER A 373 20.30 0.39 -10.47
C SER A 373 20.28 0.99 -11.79
N THR A 374 20.38 2.31 -11.84
CA THR A 374 20.26 2.95 -13.09
C THR A 374 21.25 2.44 -14.17
N GLY A 375 20.81 2.07 -15.35
CA GLY A 375 21.60 1.57 -16.44
C GLY A 375 21.98 0.08 -16.39
N SER A 376 21.58 -0.59 -15.33
CA SER A 376 21.87 -2.03 -15.19
C SER A 376 21.05 -2.86 -16.19
N SER A 377 21.58 -3.95 -16.62
CA SER A 377 20.81 -4.94 -17.41
C SER A 377 20.21 -6.04 -16.54
N SER A 378 20.35 -5.95 -15.22
N SER A 378 20.33 -5.94 -15.22
N SER A 378 20.35 -5.95 -15.22
N SER A 378 20.34 -5.94 -15.22
CA SER A 378 19.64 -6.83 -14.28
CA SER A 378 19.66 -6.85 -14.26
CA SER A 378 19.64 -6.83 -14.28
CA SER A 378 19.67 -6.84 -14.26
C SER A 378 18.40 -6.09 -13.82
C SER A 378 18.43 -6.13 -13.73
C SER A 378 18.40 -6.09 -13.82
C SER A 378 18.43 -6.13 -13.73
N CYS A 379 17.27 -6.77 -13.88
CA CYS A 379 15.99 -6.19 -13.50
C CYS A 379 15.43 -6.88 -12.26
N PHE A 380 14.68 -6.11 -11.48
CA PHE A 380 14.14 -6.63 -10.21
C PHE A 380 12.76 -7.24 -10.46
N GLY A 381 12.57 -8.41 -9.88
CA GLY A 381 11.28 -9.08 -10.05
C GLY A 381 10.19 -8.62 -9.15
N GLY A 382 8.96 -8.72 -9.64
CA GLY A 382 7.79 -8.29 -8.91
C GLY A 382 7.13 -9.37 -8.08
N ILE A 383 7.61 -10.59 -8.18
CA ILE A 383 7.17 -11.71 -7.34
C ILE A 383 8.40 -12.08 -6.53
N GLN A 384 8.26 -12.09 -5.22
CA GLN A 384 9.40 -12.33 -4.32
C GLN A 384 8.96 -13.28 -3.22
N SER A 385 9.91 -13.92 -2.56
CA SER A 385 9.58 -14.83 -1.47
C SER A 385 9.14 -14.10 -0.23
N SER A 386 8.13 -14.66 0.43
CA SER A 386 7.67 -14.18 1.71
C SER A 386 8.41 -14.85 2.87
N ALA A 387 9.45 -15.63 2.60
N ALA A 387 9.27 -15.81 2.60
N ALA A 387 9.44 -15.63 2.60
N ALA A 387 9.27 -15.81 2.60
CA ALA A 387 10.23 -16.31 3.66
CA ALA A 387 9.80 -16.68 3.67
CA ALA A 387 10.22 -16.33 3.65
CA ALA A 387 9.81 -16.66 3.68
C ALA A 387 10.89 -15.26 4.54
C ALA A 387 10.40 -15.87 4.83
C ALA A 387 10.88 -15.28 4.54
C ALA A 387 10.39 -15.82 4.84
N GLY A 388 10.61 -15.30 5.84
N GLY A 388 10.97 -14.68 4.61
N GLY A 388 10.57 -15.33 5.83
N GLY A 388 11.00 -14.67 4.60
CA GLY A 388 11.16 -14.40 6.85
CA GLY A 388 11.58 -13.85 5.68
CA GLY A 388 11.12 -14.44 6.86
CA GLY A 388 11.61 -13.83 5.66
C GLY A 388 10.22 -13.23 7.10
C GLY A 388 10.65 -12.77 6.23
C GLY A 388 10.22 -13.25 7.08
C GLY A 388 10.62 -12.90 6.35
N ILE A 389 9.25 -13.01 6.23
N ILE A 389 9.34 -12.86 5.94
N ILE A 389 9.22 -13.03 6.22
N ILE A 389 9.35 -12.85 5.91
CA ILE A 389 8.24 -11.91 6.40
CA ILE A 389 8.25 -11.91 6.40
CA ILE A 389 8.24 -11.92 6.40
CA ILE A 389 8.25 -11.92 6.39
C ILE A 389 7.16 -12.46 7.33
C ILE A 389 7.38 -12.53 7.49
C ILE A 389 7.16 -12.46 7.33
C ILE A 389 7.38 -12.52 7.48
N GLY A 390 6.93 -13.77 7.32
CA GLY A 390 5.98 -14.43 8.23
C GLY A 390 4.55 -14.32 7.76
N ILE A 391 4.31 -13.71 6.57
CA ILE A 391 2.97 -13.68 5.93
C ILE A 391 3.15 -13.50 4.41
N ASN A 392 2.22 -14.07 3.68
CA ASN A 392 2.17 -13.82 2.22
C ASN A 392 1.42 -12.52 1.99
N ILE A 393 1.85 -11.79 0.98
CA ILE A 393 1.26 -10.45 0.75
C ILE A 393 0.90 -10.33 -0.70
N PHE A 394 -0.41 -10.18 -0.95
CA PHE A 394 -0.93 -9.83 -2.28
C PHE A 394 -0.91 -8.32 -2.38
N GLY A 395 0.24 -7.79 -2.75
CA GLY A 395 0.45 -6.35 -2.91
C GLY A 395 0.01 -5.87 -4.29
N ASP A 396 0.45 -4.70 -4.65
CA ASP A 396 -0.06 -4.01 -5.84
C ASP A 396 0.12 -4.81 -7.10
N VAL A 397 1.20 -5.54 -7.27
CA VAL A 397 1.41 -6.38 -8.45
C VAL A 397 0.18 -7.27 -8.68
N ALA A 398 -0.29 -7.90 -7.64
CA ALA A 398 -1.48 -8.74 -7.76
C ALA A 398 -2.76 -7.92 -7.86
N LEU A 399 -2.92 -6.95 -6.97
CA LEU A 399 -4.22 -6.27 -6.87
C LEU A 399 -4.50 -5.46 -8.11
N LYS A 400 -3.49 -4.91 -8.76
N LYS A 400 -3.50 -4.91 -8.79
N LYS A 400 -3.49 -4.91 -8.76
N LYS A 400 -3.50 -4.91 -8.79
CA LYS A 400 -3.70 -4.06 -9.95
CA LYS A 400 -3.79 -4.05 -9.96
CA LYS A 400 -3.70 -4.06 -9.95
CA LYS A 400 -3.79 -4.05 -9.96
C LYS A 400 -4.25 -4.89 -11.11
C LYS A 400 -4.24 -4.90 -11.15
C LYS A 400 -4.24 -4.90 -11.12
C LYS A 400 -4.24 -4.90 -11.15
N ALA A 401 -4.09 -6.22 -11.09
CA ALA A 401 -4.66 -7.09 -12.13
C ALA A 401 -6.17 -7.32 -11.90
N ALA A 402 -6.74 -6.81 -10.84
CA ALA A 402 -8.14 -7.11 -10.50
C ALA A 402 -8.88 -5.84 -10.13
N PHE A 403 -10.21 -5.95 -10.11
CA PHE A 403 -11.09 -5.06 -9.38
C PHE A 403 -11.36 -5.70 -8.04
N VAL A 404 -11.04 -5.06 -6.94
CA VAL A 404 -11.02 -5.68 -5.63
C VAL A 404 -12.04 -5.00 -4.73
N VAL A 405 -12.94 -5.79 -4.17
CA VAL A 405 -13.97 -5.33 -3.23
C VAL A 405 -13.59 -5.67 -1.83
N PHE A 406 -13.46 -4.68 -0.98
CA PHE A 406 -13.22 -4.82 0.43
C PHE A 406 -14.55 -4.62 1.12
N ASN A 407 -15.19 -5.77 1.44
CA ASN A 407 -16.57 -5.79 1.98
C ASN A 407 -16.51 -5.76 3.48
N GLY A 408 -16.84 -4.62 4.08
CA GLY A 408 -16.82 -4.40 5.53
C GLY A 408 -18.16 -4.65 6.22
N ALA A 409 -18.97 -5.50 5.67
CA ALA A 409 -20.18 -6.00 6.37
C ALA A 409 -19.77 -6.71 7.67
N THR A 410 -20.80 -7.01 8.49
CA THR A 410 -20.60 -7.58 9.84
C THR A 410 -19.60 -8.74 9.78
N THR A 411 -19.78 -9.61 8.80
CA THR A 411 -18.76 -10.62 8.43
C THR A 411 -18.04 -10.13 7.18
N PRO A 412 -16.80 -9.61 7.32
CA PRO A 412 -16.12 -9.08 6.12
C PRO A 412 -15.81 -10.15 5.10
N THR A 413 -15.74 -9.80 3.84
CA THR A 413 -15.29 -10.68 2.77
C THR A 413 -14.47 -9.84 1.78
N LEU A 414 -13.67 -10.50 0.95
N LEU A 414 -13.95 -10.50 0.76
N LEU A 414 -13.67 -10.50 0.94
N LEU A 414 -13.95 -10.50 0.76
CA LEU A 414 -13.02 -9.86 -0.24
CA LEU A 414 -13.05 -9.88 -0.21
CA LEU A 414 -13.02 -9.86 -0.23
CA LEU A 414 -13.05 -9.88 -0.21
C LEU A 414 -13.67 -10.34 -1.51
C LEU A 414 -13.44 -10.39 -1.60
C LEU A 414 -13.67 -10.34 -1.51
C LEU A 414 -13.44 -10.39 -1.60
N GLY A 415 -13.77 -9.49 -2.52
CA GLY A 415 -14.19 -9.88 -3.83
C GLY A 415 -13.14 -9.56 -4.86
N PHE A 416 -12.94 -10.40 -5.84
CA PHE A 416 -12.05 -10.15 -6.98
C PHE A 416 -12.73 -10.34 -8.27
N ALA A 417 -12.59 -9.47 -9.22
CA ALA A 417 -13.06 -9.60 -10.60
C ALA A 417 -11.89 -9.32 -11.52
N SER A 418 -11.89 -9.93 -12.66
CA SER A 418 -11.01 -9.49 -13.77
C SER A 418 -11.50 -8.14 -14.29
N LYS A 419 -10.65 -7.46 -15.07
CA LYS A 419 -11.02 -6.15 -15.61
C LYS A 419 -10.31 -5.87 -16.93
#